data_2C1S
#
_entry.id   2C1S
#
_cell.length_a   79.652
_cell.length_b   56.049
_cell.length_c   57.126
_cell.angle_alpha   90.00
_cell.angle_beta   90.00
_cell.angle_gamma   90.00
#
_symmetry.space_group_name_H-M   'P 21 21 2'
#
loop_
_entity.id
_entity.type
_entity.pdbx_description
1 polymer 'BIOTIN BINDING PROTEIN A'
2 non-polymer BIOTIN-D-SULFOXIDE
3 water water
#
_entity_poly.entity_id   1
_entity_poly.type   'polypeptide(L)'
_entity_poly.pdbx_seq_one_letter_code
;GTRKCELQGLWRNELGSNMTISALDVAGTFSGSYQTAVTATNKQILVSPLKGAQQPPGTKGQQPTFGFTVQWQFADSTTV
FVGQCFVDRRGKEMLEMAWLLREEVPSRKDTWKATRVGTNVFTRVK
;
_entity_poly.pdbx_strand_id   A,B
#
# COMPACT_ATOMS: atom_id res chain seq x y z
N ARG A 3 14.58 23.06 -7.14
CA ARG A 3 13.30 22.98 -6.40
C ARG A 3 12.52 21.74 -6.78
N LYS A 4 13.11 20.90 -7.65
CA LYS A 4 12.50 19.61 -7.98
C LYS A 4 12.30 18.81 -6.69
N CYS A 5 11.06 18.34 -6.49
CA CYS A 5 10.68 17.52 -5.31
C CYS A 5 10.58 18.28 -3.99
N GLU A 6 10.66 19.61 -4.08
CA GLU A 6 10.26 20.51 -3.01
C GLU A 6 8.82 20.19 -2.60
N LEU A 7 8.63 19.83 -1.33
CA LEU A 7 7.30 19.47 -0.88
C LEU A 7 6.32 20.61 -0.95
N GLN A 8 6.82 21.84 -0.73
CA GLN A 8 5.96 22.99 -0.70
C GLN A 8 5.20 23.03 -2.00
N GLY A 9 3.90 23.24 -1.91
CA GLY A 9 3.09 23.36 -3.11
C GLY A 9 1.89 22.47 -3.07
N LEU A 10 1.30 22.24 -4.25
CA LEU A 10 0.02 21.57 -4.37
C LEU A 10 0.19 20.19 -5.04
N TRP A 11 -0.48 19.19 -4.46
CA TRP A 11 -0.37 17.79 -4.85
C TRP A 11 -1.76 17.10 -4.92
N ARG A 12 -1.88 16.10 -5.79
CA ARG A 12 -3.09 15.31 -5.91
C ARG A 12 -2.67 13.83 -6.03
N ASN A 13 -3.44 12.94 -5.41
CA ASN A 13 -3.14 11.52 -5.46
C ASN A 13 -4.15 10.80 -6.33
N GLU A 14 -3.99 9.48 -6.44
CA GLU A 14 -4.78 8.67 -7.36
C GLU A 14 -6.24 8.47 -6.96
N LEU A 15 -6.60 8.86 -5.73
CA LEU A 15 -7.97 8.79 -5.25
C LEU A 15 -8.73 10.08 -5.57
N GLY A 16 -7.98 11.08 -6.04
CA GLY A 16 -8.52 12.40 -6.29
C GLY A 16 -8.36 13.37 -5.14
N SER A 17 -7.70 12.93 -4.07
CA SER A 17 -7.42 13.83 -2.97
C SER A 17 -6.38 14.90 -3.33
N ASN A 18 -6.60 16.11 -2.80
CA ASN A 18 -5.66 17.20 -2.95
C ASN A 18 -5.03 17.57 -1.62
N MET A 19 -3.78 18.00 -1.67
CA MET A 19 -3.15 18.57 -0.47
C MET A 19 -2.17 19.69 -0.78
N THR A 20 -2.17 20.70 0.09
CA THR A 20 -1.25 21.81 -0.02
C THR A 20 -0.29 21.75 1.13
N ILE A 21 1.00 21.86 0.82
CA ILE A 21 2.04 21.86 1.83
C ILE A 21 2.69 23.24 1.85
N SER A 22 2.79 23.83 3.04
CA SER A 22 3.42 25.15 3.23
C SER A 22 4.93 25.06 3.10
N ALA A 23 5.61 26.22 3.12
CA ALA A 23 7.06 26.21 3.12
C ALA A 23 7.53 25.51 4.38
N LEU A 24 8.66 24.81 4.25
CA LEU A 24 9.27 24.15 5.36
C LEU A 24 9.97 25.20 6.19
N ASP A 25 9.88 25.09 7.51
CA ASP A 25 10.69 25.98 8.33
C ASP A 25 12.12 25.44 8.43
N VAL A 26 12.98 26.10 9.20
CA VAL A 26 14.40 25.79 9.16
C VAL A 26 14.67 24.36 9.66
N ALA A 27 13.86 23.92 10.62
CA ALA A 27 13.94 22.58 11.16
C ALA A 27 13.30 21.49 10.27
N GLY A 28 12.78 21.86 9.10
CA GLY A 28 12.19 20.88 8.19
C GLY A 28 10.77 20.53 8.55
N THR A 29 10.21 21.21 9.54
CA THR A 29 8.83 21.01 9.89
C THR A 29 7.97 21.83 8.94
N PHE A 30 6.77 21.33 8.69
CA PHE A 30 5.81 22.01 7.83
C PHE A 30 4.37 21.79 8.27
N SER A 31 3.50 22.61 7.69
CA SER A 31 2.08 22.59 7.85
C SER A 31 1.40 22.45 6.49
N GLY A 32 0.08 22.34 6.47
CA GLY A 32 -0.62 22.28 5.21
C GLY A 32 -2.08 22.00 5.37
N SER A 33 -2.75 21.69 4.26
CA SER A 33 -4.15 21.30 4.30
C SER A 33 -4.39 20.08 3.40
N TYR A 34 -5.43 19.32 3.71
CA TYR A 34 -5.67 18.04 3.02
C TYR A 34 -7.15 17.93 2.74
N GLN A 35 -7.48 17.81 1.45
CA GLN A 35 -8.84 17.65 0.99
C GLN A 35 -9.04 16.23 0.42
N THR A 36 -9.47 15.32 1.27
CA THR A 36 -9.62 13.94 0.83
C THR A 36 -10.83 13.77 -0.07
N ALA A 37 -10.72 12.95 -1.12
CA ALA A 37 -11.83 12.66 -2.02
C ALA A 37 -12.77 11.62 -1.47
N VAL A 38 -12.28 10.85 -0.50
CA VAL A 38 -12.96 9.69 0.05
C VAL A 38 -12.95 9.70 1.59
N THR A 39 -13.93 9.04 2.18
CA THR A 39 -13.98 8.88 3.63
C THR A 39 -14.64 7.56 3.97
N ALA A 40 -14.19 6.96 5.07
CA ALA A 40 -14.84 5.76 5.63
C ALA A 40 -16.09 6.10 6.46
N THR A 41 -16.31 7.39 6.68
CA THR A 41 -17.48 7.89 7.41
C THR A 41 -18.61 8.20 6.44
N ASN A 42 -19.76 8.55 7.01
CA ASN A 42 -20.89 9.08 6.25
C ASN A 42 -21.03 10.59 6.44
N LYS A 43 -19.93 11.25 6.81
CA LYS A 43 -19.92 12.70 6.99
C LYS A 43 -19.46 13.43 5.74
N GLN A 44 -19.88 14.69 5.62
CA GLN A 44 -19.41 15.60 4.59
C GLN A 44 -17.92 15.87 4.82
N ILE A 45 -17.11 15.65 3.80
CA ILE A 45 -15.67 15.90 3.90
C ILE A 45 -15.43 17.41 4.02
N LEU A 46 -14.49 17.77 4.89
CA LEU A 46 -14.06 19.15 5.11
C LEU A 46 -12.55 19.21 5.05
N VAL A 47 -12.00 20.32 4.54
CA VAL A 47 -10.54 20.54 4.52
C VAL A 47 -9.95 20.35 5.92
N SER A 48 -8.83 19.66 5.98
CA SER A 48 -8.26 19.37 7.27
C SER A 48 -6.80 19.74 7.31
N PRO A 49 -6.33 20.19 8.47
CA PRO A 49 -4.94 20.54 8.63
C PRO A 49 -4.00 19.35 8.77
N LEU A 50 -2.80 19.56 8.27
CA LEU A 50 -1.72 18.61 8.47
C LEU A 50 -0.49 19.28 9.09
N LYS A 51 0.32 18.48 9.76
CA LYS A 51 1.52 18.90 10.38
C LYS A 51 2.51 17.80 10.16
N GLY A 52 3.70 18.17 9.69
CA GLY A 52 4.76 17.19 9.45
C GLY A 52 6.17 17.68 9.54
N ALA A 53 7.07 16.83 9.08
CA ALA A 53 8.52 17.09 9.11
C ALA A 53 9.19 16.30 8.03
N GLN A 54 10.25 16.89 7.46
CA GLN A 54 11.08 16.26 6.44
C GLN A 54 12.56 16.25 6.82
N GLN A 55 13.25 15.14 6.51
CA GLN A 55 14.68 15.07 6.70
C GLN A 55 15.39 16.11 5.80
N PRO A 56 16.56 16.60 6.25
CA PRO A 56 17.42 17.42 5.41
C PRO A 56 17.88 16.65 4.16
N PRO A 57 17.84 17.31 2.97
CA PRO A 57 18.41 16.62 1.81
C PRO A 57 19.83 16.12 2.08
N GLY A 58 20.09 14.88 1.68
CA GLY A 58 21.46 14.37 1.56
C GLY A 58 22.12 14.91 0.29
N THR A 59 23.31 14.40 -0.02
CA THR A 59 24.08 14.92 -1.17
C THR A 59 24.18 13.89 -2.30
N LYS A 60 23.48 12.77 -2.15
CA LYS A 60 23.59 11.64 -3.08
C LYS A 60 22.57 11.64 -4.24
N GLY A 61 21.83 12.74 -4.40
CA GLY A 61 20.82 12.87 -5.45
C GLY A 61 19.50 12.15 -5.14
N GLN A 62 19.27 11.88 -3.87
CA GLN A 62 18.05 11.17 -3.43
C GLN A 62 17.28 12.12 -2.54
N GLN A 63 15.97 12.22 -2.77
CA GLN A 63 15.15 13.12 -1.96
C GLN A 63 14.90 12.54 -0.57
N PRO A 64 14.83 13.42 0.46
CA PRO A 64 14.71 12.94 1.85
C PRO A 64 13.32 12.47 2.22
N THR A 65 13.27 11.55 3.18
CA THR A 65 11.97 11.04 3.64
C THR A 65 11.26 12.10 4.48
N PHE A 66 9.94 11.98 4.59
CA PHE A 66 9.12 12.90 5.35
C PHE A 66 7.83 12.22 5.81
N GLY A 67 7.13 12.85 6.74
CA GLY A 67 5.92 12.28 7.25
C GLY A 67 5.00 13.41 7.69
N PHE A 68 3.72 13.14 7.73
CA PHE A 68 2.75 14.09 8.31
C PHE A 68 1.53 13.43 8.96
N THR A 69 0.90 14.19 9.86
CA THR A 69 -0.34 13.81 10.48
C THR A 69 -1.47 14.68 9.97
N VAL A 70 -2.58 14.05 9.61
CA VAL A 70 -3.80 14.78 9.25
C VAL A 70 -4.90 14.71 10.31
N GLN A 71 -5.29 15.87 10.82
CA GLN A 71 -6.33 15.98 11.84
C GLN A 71 -7.68 16.27 11.17
N TRP A 72 -8.39 15.21 10.80
CA TRP A 72 -9.63 15.31 10.03
C TRP A 72 -10.63 16.14 10.78
N GLN A 73 -11.24 17.09 10.08
CA GLN A 73 -12.17 18.03 10.73
C GLN A 73 -13.60 17.51 10.77
N PHE A 74 -13.83 16.37 10.12
CA PHE A 74 -15.17 15.86 9.96
C PHE A 74 -15.24 14.41 10.48
N ALA A 75 -14.16 13.96 11.11
CA ALA A 75 -14.09 12.60 11.65
C ALA A 75 -13.23 12.53 12.91
N ASP A 76 -13.46 11.49 13.72
CA ASP A 76 -12.71 11.29 14.96
C ASP A 76 -11.38 10.56 14.78
N SER A 77 -11.09 10.22 13.53
CA SER A 77 -9.93 9.41 13.22
C SER A 77 -8.75 10.35 12.93
N THR A 78 -7.56 9.77 12.80
CA THR A 78 -6.34 10.51 12.49
C THR A 78 -5.61 9.65 11.49
N THR A 79 -5.01 10.29 10.49
CA THR A 79 -4.17 9.59 9.52
C THR A 79 -2.74 10.08 9.62
N VAL A 80 -1.79 9.16 9.48
CA VAL A 80 -0.40 9.53 9.27
C VAL A 80 0.08 9.03 7.90
N PHE A 81 0.81 9.89 7.20
CA PHE A 81 1.41 9.55 5.91
C PHE A 81 2.92 9.61 6.04
N VAL A 82 3.61 8.68 5.41
CA VAL A 82 5.06 8.77 5.39
C VAL A 82 5.58 8.41 3.99
N GLY A 83 6.62 9.08 3.50
CA GLY A 83 7.03 8.84 2.12
C GLY A 83 8.33 9.49 1.67
N GLN A 84 8.47 9.56 0.36
CA GLN A 84 9.66 10.11 -0.27
C GLN A 84 9.22 10.55 -1.67
N CYS A 85 9.78 11.67 -2.10
CA CYS A 85 9.59 12.17 -3.47
C CYS A 85 10.64 11.60 -4.43
N PHE A 86 10.22 11.42 -5.68
CA PHE A 86 11.11 10.97 -6.76
C PHE A 86 10.84 11.83 -7.96
N VAL A 87 11.88 12.09 -8.74
CA VAL A 87 11.73 12.84 -9.98
C VAL A 87 12.03 11.83 -11.09
N ASP A 88 11.12 11.71 -12.04
CA ASP A 88 11.35 10.78 -13.14
C ASP A 88 12.27 11.39 -14.23
N ARG A 89 12.51 10.63 -15.31
CA ARG A 89 13.47 11.00 -16.35
C ARG A 89 13.06 12.30 -17.04
N ARG A 90 11.76 12.61 -16.97
CA ARG A 90 11.22 13.82 -17.58
C ARG A 90 11.06 14.97 -16.61
N GLY A 91 11.52 14.78 -15.37
CA GLY A 91 11.41 15.79 -14.32
C GLY A 91 10.08 15.82 -13.60
N LYS A 92 9.24 14.80 -13.79
CA LYS A 92 7.93 14.81 -13.14
C LYS A 92 8.10 14.27 -11.74
N GLU A 93 7.50 14.96 -10.78
CA GLU A 93 7.64 14.60 -9.34
C GLU A 93 6.47 13.75 -8.87
N MET A 94 6.79 12.69 -8.13
CA MET A 94 5.77 11.86 -7.52
C MET A 94 6.11 11.64 -6.05
N LEU A 95 5.15 11.81 -5.13
CA LEU A 95 5.36 11.41 -3.71
C LEU A 95 4.84 10.00 -3.56
N GLU A 96 5.71 9.07 -3.18
CA GLU A 96 5.31 7.68 -2.93
C GLU A 96 5.08 7.67 -1.40
N MET A 97 3.85 7.38 -0.99
CA MET A 97 3.53 7.43 0.44
C MET A 97 2.78 6.19 0.89
N ALA A 98 2.95 5.87 2.19
CA ALA A 98 2.16 4.85 2.86
C ALA A 98 1.47 5.56 4.01
N TRP A 99 0.34 5.02 4.42
CA TRP A 99 -0.44 5.69 5.43
C TRP A 99 -1.08 4.71 6.40
N LEU A 100 -1.38 5.22 7.59
CA LEU A 100 -2.20 4.51 8.58
C LEU A 100 -3.33 5.42 9.02
N LEU A 101 -4.54 4.86 9.02
CA LEU A 101 -5.75 5.60 9.43
C LEU A 101 -6.23 4.95 10.70
N ARG A 102 -6.19 5.74 11.77
CA ARG A 102 -6.55 5.25 13.13
C ARG A 102 -7.95 5.75 13.49
N GLU A 103 -8.87 4.82 13.65
CA GLU A 103 -10.18 5.09 14.26
C GLU A 103 -10.11 5.31 15.78
N GLU A 104 -10.96 6.22 16.28
CA GLU A 104 -11.17 6.32 17.71
C GLU A 104 -12.07 5.16 18.18
N VAL A 105 -11.62 4.33 19.12
CA VAL A 105 -12.45 3.19 19.51
C VAL A 105 -12.96 3.34 20.94
N PRO A 106 -14.14 2.71 21.25
CA PRO A 106 -14.83 2.90 22.53
C PRO A 106 -14.10 2.32 23.75
N SER A 107 -13.25 1.32 23.55
CA SER A 107 -12.44 0.79 24.65
C SER A 107 -11.13 0.19 24.21
N ARG A 108 -10.26 -0.08 25.16
CA ARG A 108 -8.93 -0.56 24.82
C ARG A 108 -8.97 -1.93 24.14
N LYS A 109 -9.83 -2.81 24.64
CA LYS A 109 -10.02 -4.12 24.03
C LYS A 109 -10.27 -4.05 22.51
N ASP A 110 -10.74 -2.89 22.01
CA ASP A 110 -11.11 -2.72 20.60
C ASP A 110 -9.93 -2.21 19.75
N THR A 111 -8.78 -1.97 20.38
CA THR A 111 -7.64 -1.39 19.67
C THR A 111 -7.17 -2.19 18.48
N TRP A 112 -7.28 -3.52 18.59
CA TRP A 112 -6.89 -4.43 17.52
C TRP A 112 -7.44 -4.07 16.15
N LYS A 113 -8.67 -3.55 16.06
CA LYS A 113 -9.35 -3.28 14.80
C LYS A 113 -9.28 -1.80 14.35
N ALA A 114 -8.46 -1.03 15.04
CA ALA A 114 -8.54 0.43 14.92
C ALA A 114 -7.77 1.02 13.73
N THR A 115 -6.92 0.24 13.07
CA THR A 115 -5.87 0.83 12.19
C THR A 115 -5.94 0.22 10.81
N ARG A 116 -6.23 1.06 9.82
CA ARG A 116 -6.17 0.65 8.42
C ARG A 116 -4.84 1.15 7.84
N VAL A 117 -4.38 0.44 6.82
CA VAL A 117 -3.14 0.78 6.15
C VAL A 117 -3.35 0.84 4.62
N GLY A 118 -2.57 1.65 3.94
CA GLY A 118 -2.65 1.71 2.49
C GLY A 118 -1.49 2.51 1.92
N THR A 119 -1.56 2.81 0.63
CA THR A 119 -0.51 3.56 -0.06
C THR A 119 -1.18 4.57 -1.00
N ASN A 120 -0.48 5.64 -1.29
CA ASN A 120 -0.95 6.66 -2.24
C ASN A 120 0.23 7.12 -3.03
N VAL A 121 -0.02 7.59 -4.25
CA VAL A 121 1.01 8.28 -5.02
C VAL A 121 0.49 9.68 -5.39
N PHE A 122 1.27 10.72 -5.06
CA PHE A 122 0.88 12.10 -5.35
C PHE A 122 1.71 12.65 -6.51
N THR A 123 1.06 13.48 -7.32
CA THR A 123 1.69 14.20 -8.41
C THR A 123 1.39 15.68 -8.20
N ARG A 124 2.31 16.50 -8.68
CA ARG A 124 2.23 17.97 -8.56
C ARG A 124 1.07 18.51 -9.40
N VAL A 125 0.19 19.28 -8.75
CA VAL A 125 -0.83 20.07 -9.44
C VAL A 125 -0.26 21.47 -9.64
N ARG B 3 -14.90 -17.67 -16.29
CA ARG B 3 -15.67 -16.68 -15.49
C ARG B 3 -14.76 -15.51 -15.06
N LYS B 4 -15.33 -14.31 -15.02
CA LYS B 4 -14.55 -13.12 -14.66
C LYS B 4 -14.13 -13.14 -13.21
N CYS B 5 -12.85 -12.84 -13.01
CA CYS B 5 -12.20 -12.75 -11.70
C CYS B 5 -11.94 -14.09 -11.03
N GLU B 6 -12.08 -15.18 -11.80
CA GLU B 6 -11.64 -16.50 -11.35
C GLU B 6 -10.15 -16.36 -11.02
N LEU B 7 -9.73 -16.76 -9.82
CA LEU B 7 -8.29 -16.65 -9.48
C LEU B 7 -7.39 -17.51 -10.35
N GLN B 8 -7.88 -18.69 -10.77
CA GLN B 8 -7.05 -19.58 -11.59
C GLN B 8 -6.51 -18.86 -12.82
N GLY B 9 -5.22 -19.07 -13.10
CA GLY B 9 -4.58 -18.52 -14.28
C GLY B 9 -3.34 -17.70 -13.95
N LEU B 10 -2.94 -16.84 -14.90
CA LEU B 10 -1.66 -16.10 -14.89
C LEU B 10 -1.91 -14.63 -14.67
N TRP B 11 -1.17 -14.07 -13.71
CA TRP B 11 -1.36 -12.66 -13.30
C TRP B 11 -0.02 -11.93 -13.27
N ARG B 12 -0.07 -10.62 -13.39
CA ARG B 12 1.15 -9.80 -13.40
C ARG B 12 0.87 -8.53 -12.64
N ASN B 13 1.82 -8.11 -11.81
CA ASN B 13 1.64 -6.86 -11.05
C ASN B 13 2.46 -5.69 -11.60
N GLU B 14 2.27 -4.52 -11.01
CA GLU B 14 2.92 -3.30 -11.46
C GLU B 14 4.44 -3.36 -11.30
N LEU B 15 4.94 -4.23 -10.45
CA LEU B 15 6.36 -4.36 -10.29
C LEU B 15 6.98 -5.25 -11.35
N GLY B 16 6.14 -5.93 -12.14
CA GLY B 16 6.58 -6.91 -13.14
C GLY B 16 6.65 -8.35 -12.64
N SER B 17 6.20 -8.57 -11.40
CA SER B 17 6.09 -9.93 -10.87
C SER B 17 4.94 -10.70 -11.54
N ASN B 18 5.14 -12.00 -11.68
CA ASN B 18 4.15 -12.90 -12.25
C ASN B 18 3.78 -13.97 -11.24
N MET B 19 2.51 -14.36 -11.29
CA MET B 19 2.08 -15.48 -10.49
C MET B 19 1.06 -16.33 -11.21
N THR B 20 1.12 -17.63 -10.96
CA THR B 20 0.14 -18.56 -11.50
C THR B 20 -0.64 -19.13 -10.34
N ILE B 21 -1.96 -19.10 -10.42
CA ILE B 21 -2.80 -19.68 -9.38
C ILE B 21 -3.49 -20.92 -9.94
N SER B 22 -3.52 -21.99 -9.14
CA SER B 22 -4.18 -23.26 -9.52
C SER B 22 -5.69 -23.11 -9.48
N ALA B 23 -6.43 -24.12 -9.96
CA ALA B 23 -7.86 -24.15 -9.68
C ALA B 23 -8.09 -24.28 -8.17
N LEU B 24 -9.25 -23.80 -7.70
CA LEU B 24 -9.61 -23.91 -6.29
C LEU B 24 -10.09 -25.30 -5.96
N ASP B 25 -9.62 -25.89 -4.86
CA ASP B 25 -10.26 -27.12 -4.35
C ASP B 25 -11.69 -26.83 -3.84
N VAL B 26 -12.41 -27.87 -3.41
CA VAL B 26 -13.78 -27.66 -2.91
C VAL B 26 -13.81 -26.70 -1.71
N ALA B 27 -12.79 -26.76 -0.84
CA ALA B 27 -12.77 -25.85 0.32
C ALA B 27 -12.24 -24.42 0.02
N GLY B 28 -12.05 -24.11 -1.27
CA GLY B 28 -11.54 -22.81 -1.71
C GLY B 28 -10.05 -22.64 -1.51
N THR B 29 -9.35 -23.72 -1.16
CA THR B 29 -7.88 -23.74 -1.04
C THR B 29 -7.28 -23.71 -2.43
N PHE B 30 -6.15 -23.03 -2.60
CA PHE B 30 -5.43 -23.13 -3.87
C PHE B 30 -3.93 -23.15 -3.67
N SER B 31 -3.22 -23.52 -4.74
CA SER B 31 -1.77 -23.42 -4.72
C SER B 31 -1.36 -22.56 -5.93
N GLY B 32 -0.07 -22.38 -6.12
CA GLY B 32 0.40 -21.58 -7.25
C GLY B 32 1.90 -21.41 -7.18
N SER B 33 2.43 -20.59 -8.07
CA SER B 33 3.83 -20.25 -8.07
C SER B 33 3.90 -18.74 -8.30
N TYR B 34 4.95 -18.16 -7.76
CA TYR B 34 5.14 -16.71 -7.77
C TYR B 34 6.56 -16.45 -8.25
N GLN B 35 6.70 -15.59 -9.27
CA GLN B 35 7.99 -15.18 -9.85
C GLN B 35 8.10 -13.68 -9.57
N THR B 36 8.70 -13.33 -8.44
CA THR B 36 8.84 -11.91 -8.15
C THR B 36 9.85 -11.23 -9.10
N ALA B 37 9.58 -9.98 -9.48
CA ALA B 37 10.55 -9.20 -10.29
C ALA B 37 11.67 -8.60 -9.44
N VAL B 38 11.41 -8.48 -8.14
CA VAL B 38 12.27 -7.78 -7.19
C VAL B 38 12.52 -8.56 -5.91
N THR B 39 13.66 -8.30 -5.27
CA THR B 39 14.00 -8.91 -4.00
C THR B 39 14.76 -7.90 -3.16
N ALA B 40 14.59 -8.00 -1.83
CA ALA B 40 15.31 -7.11 -0.94
C ALA B 40 16.66 -7.73 -0.65
N THR B 41 16.82 -9.01 -1.00
CA THR B 41 18.08 -9.73 -0.86
C THR B 41 18.98 -9.47 -2.07
N ASN B 42 20.17 -10.06 -2.06
CA ASN B 42 21.03 -9.97 -3.23
C ASN B 42 21.17 -11.34 -3.90
N LYS B 43 20.23 -12.24 -3.60
CA LYS B 43 20.26 -13.58 -4.16
C LYS B 43 19.54 -13.55 -5.50
N GLN B 44 19.81 -14.55 -6.34
CA GLN B 44 19.11 -14.71 -7.60
C GLN B 44 17.67 -15.21 -7.30
N ILE B 45 16.70 -14.62 -7.98
CA ILE B 45 15.28 -14.93 -7.78
C ILE B 45 14.95 -16.28 -8.42
N LEU B 46 14.21 -17.11 -7.68
CA LEU B 46 13.74 -18.43 -8.14
C LEU B 46 12.24 -18.47 -7.93
N VAL B 47 11.52 -19.10 -8.87
CA VAL B 47 10.08 -19.32 -8.78
C VAL B 47 9.75 -19.92 -7.42
N SER B 48 8.73 -19.41 -6.76
CA SER B 48 8.40 -19.93 -5.45
C SER B 48 6.95 -20.34 -5.27
N PRO B 49 6.70 -21.36 -4.44
CA PRO B 49 5.34 -21.83 -4.31
C PRO B 49 4.49 -20.91 -3.42
N LEU B 50 3.19 -20.95 -3.65
CA LEU B 50 2.22 -20.22 -2.82
C LEU B 50 1.06 -21.13 -2.45
N LYS B 51 0.43 -20.83 -1.31
CA LYS B 51 -0.67 -21.66 -0.77
C LYS B 51 -1.63 -20.65 -0.19
N GLY B 52 -2.91 -20.80 -0.52
CA GLY B 52 -3.89 -19.88 0.04
C GLY B 52 -5.31 -20.43 0.00
N ALA B 53 -6.24 -19.52 0.23
CA ALA B 53 -7.65 -19.84 0.32
C ALA B 53 -8.46 -18.61 -0.05
N GLN B 54 -9.59 -18.87 -0.69
CA GLN B 54 -10.48 -17.79 -1.07
C GLN B 54 -11.84 -18.09 -0.49
N GLN B 55 -12.54 -17.05 -0.10
CA GLN B 55 -13.92 -17.18 0.41
C GLN B 55 -14.85 -17.61 -0.73
N PRO B 56 -15.97 -18.31 -0.41
CA PRO B 56 -16.89 -18.58 -1.52
C PRO B 56 -17.63 -17.29 -1.95
N PRO B 57 -17.99 -17.18 -3.25
CA PRO B 57 -18.61 -15.96 -3.77
C PRO B 57 -19.97 -15.69 -3.14
N GLY B 58 -20.28 -14.41 -2.95
CA GLY B 58 -21.59 -13.95 -2.51
C GLY B 58 -22.55 -13.91 -3.70
N THR B 59 -23.61 -13.12 -3.55
CA THR B 59 -24.67 -13.03 -4.57
C THR B 59 -24.95 -11.57 -4.92
N LYS B 60 -24.02 -10.68 -4.59
CA LYS B 60 -24.22 -9.23 -4.76
C LYS B 60 -23.39 -8.59 -5.89
N GLY B 61 -22.87 -9.42 -6.80
CA GLY B 61 -21.97 -8.97 -7.86
C GLY B 61 -20.57 -8.57 -7.40
N GLN B 62 -20.18 -9.00 -6.19
CA GLN B 62 -18.86 -8.66 -5.65
C GLN B 62 -17.97 -9.92 -5.54
N GLN B 63 -16.69 -9.79 -5.85
CA GLN B 63 -15.75 -10.92 -5.79
C GLN B 63 -15.29 -11.16 -4.33
N PRO B 64 -15.09 -12.45 -3.95
CA PRO B 64 -14.82 -12.72 -2.53
C PRO B 64 -13.37 -12.41 -2.20
N THR B 65 -13.10 -12.23 -0.92
CA THR B 65 -11.71 -12.00 -0.47
C THR B 65 -10.85 -13.27 -0.48
N PHE B 66 -9.53 -13.09 -0.53
CA PHE B 66 -8.63 -14.23 -0.59
C PHE B 66 -7.27 -13.83 -0.03
N GLY B 67 -6.50 -14.84 0.33
CA GLY B 67 -5.13 -14.59 0.73
C GLY B 67 -4.26 -15.76 0.41
N PHE B 68 -2.95 -15.54 0.39
CA PHE B 68 -2.04 -16.64 0.26
C PHE B 68 -0.69 -16.28 0.85
N THR B 69 0.10 -17.34 1.05
CA THR B 69 1.44 -17.28 1.58
C THR B 69 2.42 -17.67 0.47
N VAL B 70 3.44 -16.85 0.27
CA VAL B 70 4.56 -17.21 -0.62
C VAL B 70 5.76 -17.66 0.20
N GLN B 71 6.19 -18.88 -0.08
CA GLN B 71 7.34 -19.50 0.56
C GLN B 71 8.55 -19.35 -0.38
N TRP B 72 9.27 -18.25 -0.21
CA TRP B 72 10.34 -17.86 -1.14
C TRP B 72 11.46 -18.93 -1.17
N GLN B 73 11.89 -19.27 -2.38
CA GLN B 73 12.83 -20.37 -2.55
C GLN B 73 14.30 -19.93 -2.50
N PHE B 74 14.50 -18.65 -2.31
CA PHE B 74 15.83 -18.05 -2.42
C PHE B 74 16.07 -17.09 -1.25
N ALA B 75 15.13 -17.03 -0.32
CA ALA B 75 15.23 -16.15 0.83
C ALA B 75 14.63 -16.83 2.05
N ASP B 76 14.99 -16.32 3.23
CA ASP B 76 14.52 -16.90 4.49
C ASP B 76 13.18 -16.28 4.94
N SER B 77 12.79 -15.27 4.19
CA SER B 77 11.58 -14.50 4.40
C SER B 77 10.32 -15.24 3.89
N THR B 78 9.15 -14.73 4.31
CA THR B 78 7.86 -15.23 3.90
C THR B 78 7.00 -14.01 3.68
N THR B 79 6.18 -14.05 2.63
CA THR B 79 5.22 -12.98 2.37
C THR B 79 3.83 -13.52 2.40
N VAL B 80 2.91 -12.72 2.92
CA VAL B 80 1.50 -13.06 2.75
C VAL B 80 0.85 -11.92 1.98
N PHE B 81 -0.13 -12.27 1.16
CA PHE B 81 -0.84 -11.29 0.39
C PHE B 81 -2.30 -11.51 0.70
N VAL B 82 -3.07 -10.42 0.76
CA VAL B 82 -4.51 -10.51 0.94
C VAL B 82 -5.21 -9.49 0.06
N GLY B 83 -6.37 -9.86 -0.49
CA GLY B 83 -6.96 -9.05 -1.52
C GLY B 83 -8.35 -9.45 -1.99
N GLN B 84 -8.73 -8.82 -3.10
CA GLN B 84 -10.04 -8.98 -3.70
C GLN B 84 -9.90 -8.59 -5.16
N CYS B 85 -10.53 -9.37 -6.05
CA CYS B 85 -10.54 -9.07 -7.48
C CYS B 85 -11.68 -8.09 -7.81
N PHE B 86 -11.42 -7.24 -8.79
CA PHE B 86 -12.46 -6.33 -9.34
C PHE B 86 -12.49 -6.45 -10.85
N VAL B 87 -13.68 -6.34 -11.42
CA VAL B 87 -13.84 -6.38 -12.87
C VAL B 87 -14.42 -5.02 -13.28
N ASP B 88 -13.72 -4.32 -14.18
CA ASP B 88 -14.18 -2.99 -14.62
C ASP B 88 -15.26 -3.09 -15.69
N ARG B 89 -15.72 -1.93 -16.18
CA ARG B 89 -16.73 -1.83 -17.24
C ARG B 89 -16.44 -2.74 -18.44
N ARG B 90 -15.16 -2.84 -18.80
CA ARG B 90 -14.69 -3.52 -20.00
C ARG B 90 -14.30 -4.97 -19.78
N GLY B 91 -14.52 -5.48 -18.56
CA GLY B 91 -14.18 -6.86 -18.21
C GLY B 91 -12.71 -7.12 -17.93
N LYS B 92 -11.93 -6.06 -17.76
CA LYS B 92 -10.55 -6.19 -17.32
C LYS B 92 -10.56 -6.49 -15.81
N GLU B 93 -9.88 -7.58 -15.44
CA GLU B 93 -9.81 -8.03 -14.05
C GLU B 93 -8.58 -7.44 -13.39
N MET B 94 -8.73 -7.05 -12.14
CA MET B 94 -7.58 -6.59 -11.36
C MET B 94 -7.68 -7.15 -9.96
N LEU B 95 -6.58 -7.73 -9.48
CA LEU B 95 -6.52 -8.13 -8.07
C LEU B 95 -5.89 -6.98 -7.29
N GLU B 96 -6.65 -6.40 -6.35
CA GLU B 96 -6.12 -5.39 -5.44
C GLU B 96 -5.61 -6.09 -4.20
N MET B 97 -4.32 -5.97 -3.92
CA MET B 97 -3.70 -6.75 -2.82
C MET B 97 -2.89 -5.89 -1.85
N ALA B 98 -2.87 -6.28 -0.58
CA ALA B 98 -1.92 -5.73 0.38
C ALA B 98 -1.06 -6.91 0.78
N TRP B 99 0.16 -6.65 1.20
CA TRP B 99 1.09 -7.70 1.60
C TRP B 99 1.92 -7.35 2.80
N LEU B 100 2.34 -8.37 3.53
CA LEU B 100 3.40 -8.23 4.52
C LEU B 100 4.57 -9.16 4.20
N LEU B 101 5.78 -8.64 4.26
CA LEU B 101 7.01 -9.41 4.02
C LEU B 101 7.74 -9.52 5.34
N ARG B 102 7.89 -10.75 5.82
CA ARG B 102 8.49 -11.00 7.14
C ARG B 102 9.89 -11.56 6.94
N GLU B 103 10.87 -10.90 7.52
CA GLU B 103 12.25 -11.43 7.54
C GLU B 103 12.55 -12.27 8.80
N GLU B 104 13.43 -13.24 8.65
CA GLU B 104 13.83 -14.07 9.76
C GLU B 104 14.87 -13.25 10.50
N VAL B 105 14.60 -12.94 11.75
CA VAL B 105 15.55 -12.14 12.53
C VAL B 105 16.31 -12.99 13.55
N PRO B 106 17.52 -12.54 13.94
CA PRO B 106 18.40 -13.26 14.87
C PRO B 106 17.86 -13.38 16.29
N SER B 107 17.09 -12.41 16.76
CA SER B 107 16.58 -12.48 18.12
C SER B 107 15.21 -11.84 18.27
N ARG B 108 14.54 -12.16 19.36
CA ARG B 108 13.19 -11.66 19.59
C ARG B 108 13.23 -10.14 19.66
N LYS B 109 14.35 -9.59 20.15
CA LYS B 109 14.53 -8.15 20.31
C LYS B 109 14.56 -7.40 18.97
N ASP B 110 14.78 -8.14 17.89
CA ASP B 110 14.78 -7.55 16.56
C ASP B 110 13.42 -7.70 15.87
N THR B 111 12.44 -8.30 16.55
CA THR B 111 11.13 -8.55 15.86
C THR B 111 10.48 -7.29 15.39
N TRP B 112 10.66 -6.17 16.13
CA TRP B 112 9.99 -4.90 15.78
C TRP B 112 10.31 -4.49 14.33
N LYS B 113 11.48 -4.86 13.81
CA LYS B 113 11.95 -4.39 12.49
C LYS B 113 11.73 -5.42 11.36
N ALA B 114 11.03 -6.49 11.68
CA ALA B 114 11.05 -7.66 10.79
C ALA B 114 10.01 -7.61 9.65
N THR B 115 9.09 -6.66 9.66
CA THR B 115 7.92 -6.76 8.77
C THR B 115 7.74 -5.52 7.94
N ARG B 116 7.80 -5.67 6.63
CA ARG B 116 7.51 -4.62 5.70
C ARG B 116 6.08 -4.83 5.18
N VAL B 117 5.54 -3.75 4.67
CA VAL B 117 4.16 -3.70 4.19
C VAL B 117 4.09 -2.94 2.86
N GLY B 118 3.13 -3.31 2.03
CA GLY B 118 2.91 -2.64 0.75
C GLY B 118 1.61 -3.08 0.11
N THR B 119 1.44 -2.67 -1.15
CA THR B 119 0.26 -3.01 -1.95
C THR B 119 0.72 -3.36 -3.35
N ASN B 120 -0.09 -4.11 -4.05
CA ASN B 120 0.19 -4.47 -5.46
C ASN B 120 -1.15 -4.51 -6.17
N VAL B 121 -1.11 -4.31 -7.48
CA VAL B 121 -2.30 -4.52 -8.31
C VAL B 121 -1.90 -5.48 -9.40
N PHE B 122 -2.65 -6.58 -9.54
CA PHE B 122 -2.35 -7.59 -10.55
C PHE B 122 -3.37 -7.49 -11.66
N THR B 123 -2.90 -7.63 -12.90
CA THR B 123 -3.81 -7.79 -14.01
C THR B 123 -3.60 -9.18 -14.64
N ARG B 124 -4.63 -9.67 -15.30
CA ARG B 124 -4.59 -10.97 -15.96
C ARG B 124 -3.64 -10.92 -17.18
N VAL B 125 -2.69 -11.85 -17.26
CA VAL B 125 -1.74 -11.84 -18.39
C VAL B 125 -2.41 -12.22 -19.72
#